data_5KBF
#
_entry.id   5KBF
#
_cell.length_a   78.726
_cell.length_b   103.797
_cell.length_c   104.236
_cell.angle_alpha   90.00
_cell.angle_beta   90.00
_cell.angle_gamma   90.00
#
_symmetry.space_group_name_H-M   'P 21 21 2'
#
loop_
_entity.id
_entity.type
_entity.pdbx_description
1 polymer 'CAMP-dependent protein kinase regulatory subunit, putative'
2 non-polymer "ADENOSINE-3',5'-CYCLIC-MONOPHOSPHATE"
3 water water
#
_entity_poly.entity_id   1
_entity_poly.type   'polypeptide(L)'
_entity_poly.pdbx_seq_one_letter_code
;GPGQKKRLSVSAEAYGDWNKKIDNFIPKVYKKDEKEKAKIREALNESFLFNHLNKKEFEIIVNAFFDKNVEKGVNIINEG
DYGDLLYVIDQGEVEIYKTKENNKKEVLTVLKSKDVFGELALLYNSKRAATATALTKCHLWALDRESFTYIIKDMVAKKR
KMYEDILSHVNILKDMDPYERCKVADCLKSKSYNDGEIIIKEGEEGDTFFILIDGNAVASKDNKVIKTYTKGDYFGELAL
LKNKPRAATIKAQNFCQVVYLDRKSFKRLLGPIEDILHRNVENYKKVLNELGLDTTCIDEN
;
_entity_poly.pdbx_strand_id   A,B
#
# COMPACT_ATOMS: atom_id res chain seq x y z
N SER A 9 8.38 -41.60 -23.94
CA SER A 9 6.98 -41.17 -23.86
C SER A 9 6.84 -39.90 -23.01
N VAL A 10 6.05 -38.95 -23.51
CA VAL A 10 5.84 -37.71 -22.78
C VAL A 10 4.55 -37.83 -21.98
N SER A 11 4.61 -37.50 -20.69
CA SER A 11 3.40 -37.49 -19.89
C SER A 11 2.91 -36.07 -19.67
N ALA A 12 1.59 -35.91 -19.56
CA ALA A 12 0.96 -34.60 -19.42
C ALA A 12 0.65 -34.24 -17.97
N ASN A 24 0.92 -20.42 -18.35
CA ASN A 24 2.20 -20.02 -18.91
C ASN A 24 3.05 -21.24 -19.28
N PHE A 25 4.30 -21.25 -18.82
CA PHE A 25 5.20 -22.35 -19.08
C PHE A 25 4.72 -23.63 -18.42
N ILE A 26 4.70 -24.72 -19.18
CA ILE A 26 4.29 -26.01 -18.65
C ILE A 26 5.40 -27.03 -18.90
N PRO A 27 6.00 -27.56 -17.82
CA PRO A 27 7.13 -28.48 -17.97
C PRO A 27 6.73 -29.74 -18.71
N LYS A 28 7.70 -30.38 -19.32
CA LYS A 28 7.43 -31.66 -19.94
C LYS A 28 8.00 -32.72 -19.02
N VAL A 29 7.34 -33.87 -19.00
CA VAL A 29 7.76 -34.99 -18.19
C VAL A 29 8.07 -36.15 -19.11
N TYR A 30 9.35 -36.53 -19.21
CA TYR A 30 9.73 -37.64 -20.08
C TYR A 30 9.92 -38.91 -19.27
N LYS A 31 9.28 -40.00 -19.71
CA LYS A 31 9.21 -41.22 -18.90
C LYS A 31 10.59 -41.76 -18.58
N LYS A 32 10.86 -41.98 -17.31
CA LYS A 32 12.14 -42.55 -16.86
C LYS A 32 11.91 -43.47 -15.65
N ASP A 33 12.63 -44.58 -15.56
CA ASP A 33 12.57 -45.43 -14.38
C ASP A 33 13.19 -44.71 -13.18
N GLU A 34 12.85 -45.15 -11.98
CA GLU A 34 13.42 -44.50 -10.80
C GLU A 34 14.93 -44.71 -10.74
N LYS A 35 15.39 -45.81 -11.31
CA LYS A 35 16.84 -46.07 -11.33
C LYS A 35 17.58 -45.00 -12.12
N GLU A 36 17.06 -44.64 -13.29
CA GLU A 36 17.69 -43.57 -14.07
C GLU A 36 17.50 -42.19 -13.42
N LYS A 37 16.32 -41.96 -12.84
CA LYS A 37 16.09 -40.71 -12.11
C LYS A 37 17.08 -40.53 -10.97
N ALA A 38 17.40 -41.62 -10.27
CA ALA A 38 18.34 -41.50 -9.16
C ALA A 38 19.74 -41.12 -9.67
N LYS A 39 20.11 -41.59 -10.86
CA LYS A 39 21.40 -41.24 -11.44
C LYS A 39 21.46 -39.78 -11.84
N ILE A 40 20.35 -39.27 -12.38
CA ILE A 40 20.29 -37.86 -12.74
C ILE A 40 20.39 -36.99 -11.50
N ARG A 41 19.64 -37.34 -10.44
CA ARG A 41 19.66 -36.57 -9.20
C ARG A 41 21.07 -36.52 -8.62
N GLU A 42 21.77 -37.65 -8.67
CA GLU A 42 23.17 -37.69 -8.25
C GLU A 42 24.01 -36.66 -9.03
N ALA A 43 23.93 -36.70 -10.37
CA ALA A 43 24.69 -35.75 -11.19
C ALA A 43 24.33 -34.29 -10.91
N LEU A 44 23.05 -33.99 -10.81
CA LEU A 44 22.65 -32.59 -10.63
C LEU A 44 22.94 -32.08 -9.23
N ASN A 45 22.86 -32.93 -8.22
CA ASN A 45 23.19 -32.51 -6.87
C ASN A 45 24.67 -32.19 -6.76
N GLU A 46 25.48 -32.78 -7.63
CA GLU A 46 26.91 -32.51 -7.66
C GLU A 46 27.22 -31.17 -8.34
N SER A 47 26.31 -30.76 -9.22
CA SER A 47 26.50 -29.54 -10.02
C SER A 47 25.89 -28.31 -9.36
N PHE A 48 26.68 -27.26 -9.23
CA PHE A 48 26.15 -26.06 -8.62
C PHE A 48 25.40 -25.22 -9.63
N LEU A 49 25.30 -25.71 -10.86
CA LEU A 49 24.39 -25.14 -11.82
C LEU A 49 22.95 -25.40 -11.36
N PHE A 50 22.76 -26.48 -10.59
CA PHE A 50 21.43 -27.02 -10.32
C PHE A 50 21.03 -27.12 -8.84
N ASN A 51 21.99 -27.46 -7.97
CA ASN A 51 21.63 -27.94 -6.63
C ASN A 51 21.12 -26.83 -5.71
N HIS A 52 20.93 -25.65 -6.31
CA HIS A 52 20.40 -24.45 -5.65
C HIS A 52 18.88 -24.35 -5.80
N LEU A 53 18.27 -25.32 -6.48
CA LEU A 53 16.82 -25.30 -6.69
C LEU A 53 16.10 -25.98 -5.51
N ASN A 54 14.88 -25.54 -5.21
CA ASN A 54 14.06 -26.23 -4.21
C ASN A 54 13.70 -27.62 -4.69
N LYS A 55 13.22 -28.47 -3.78
CA LYS A 55 12.84 -29.84 -4.14
C LYS A 55 11.89 -29.86 -5.34
N LYS A 56 10.84 -29.04 -5.28
CA LYS A 56 9.83 -29.00 -6.34
C LYS A 56 10.46 -28.71 -7.71
N GLU A 57 11.26 -27.66 -7.81
CA GLU A 57 11.82 -27.25 -9.09
C GLU A 57 12.87 -28.22 -9.59
N PHE A 58 13.67 -28.73 -8.66
CA PHE A 58 14.66 -29.75 -8.93
C PHE A 58 14.02 -30.94 -9.64
N GLU A 59 12.85 -31.37 -9.16
CA GLU A 59 12.20 -32.55 -9.74
C GLU A 59 11.59 -32.22 -11.09
N ILE A 60 11.18 -30.97 -11.27
CA ILE A 60 10.74 -30.54 -12.60
C ILE A 60 11.88 -30.75 -13.59
N ILE A 61 13.09 -30.33 -13.21
CA ILE A 61 14.24 -30.45 -14.10
C ILE A 61 14.60 -31.89 -14.38
N VAL A 62 14.60 -32.71 -13.32
CA VAL A 62 14.88 -34.13 -13.49
C VAL A 62 13.94 -34.77 -14.49
N ASN A 63 12.64 -34.47 -14.37
CA ASN A 63 11.64 -35.02 -15.29
C ASN A 63 11.73 -34.46 -16.70
N ALA A 64 12.24 -33.22 -16.82
CA ALA A 64 12.34 -32.59 -18.16
C ALA A 64 13.58 -33.05 -18.96
N PHE A 65 14.49 -33.78 -18.33
CA PHE A 65 15.61 -34.35 -19.11
C PHE A 65 15.09 -35.45 -20.02
N PHE A 66 15.63 -35.49 -21.23
CA PHE A 66 15.34 -36.63 -22.10
C PHE A 66 16.69 -37.22 -22.49
N ASP A 67 16.74 -38.34 -23.20
CA ASP A 67 18.07 -38.90 -23.39
C ASP A 67 18.48 -38.84 -24.85
N LYS A 68 19.78 -38.98 -25.07
CA LYS A 68 20.40 -38.88 -26.38
C LYS A 68 21.58 -39.84 -26.38
N ASN A 69 21.59 -40.79 -27.31
CA ASN A 69 22.72 -41.73 -27.43
C ASN A 69 23.53 -41.39 -28.66
N VAL A 70 24.84 -41.55 -28.53
CA VAL A 70 25.79 -41.00 -29.47
C VAL A 70 26.91 -42.01 -29.62
N GLU A 71 27.31 -42.30 -30.87
CA GLU A 71 28.44 -43.18 -31.11
C GLU A 71 29.76 -42.49 -30.86
N LYS A 72 30.77 -43.29 -30.52
CA LYS A 72 32.16 -42.84 -30.46
C LYS A 72 32.55 -42.08 -31.73
N GLY A 73 33.22 -40.93 -31.58
CA GLY A 73 33.62 -40.15 -32.74
C GLY A 73 32.65 -39.06 -33.17
N VAL A 74 31.44 -39.10 -32.64
CA VAL A 74 30.44 -38.09 -32.94
C VAL A 74 30.78 -36.77 -32.23
N ASN A 75 30.75 -35.68 -32.97
CA ASN A 75 30.81 -34.36 -32.37
C ASN A 75 29.42 -33.99 -31.87
N ILE A 76 29.18 -34.19 -30.59
CA ILE A 76 27.91 -33.86 -29.95
C ILE A 76 27.57 -32.40 -30.19
N ILE A 77 28.61 -31.56 -30.07
CA ILE A 77 28.52 -30.10 -30.20
C ILE A 77 29.66 -29.66 -31.10
N ASN A 78 29.41 -28.73 -32.02
CA ASN A 78 30.50 -28.15 -32.83
C ASN A 78 30.83 -26.69 -32.47
N GLU A 79 32.11 -26.42 -32.21
CA GLU A 79 32.58 -25.06 -31.91
C GLU A 79 32.09 -24.08 -32.99
N GLY A 80 31.06 -23.29 -32.66
CA GLY A 80 30.56 -22.29 -33.58
C GLY A 80 29.07 -22.34 -33.84
N ASP A 81 28.45 -23.46 -33.52
CA ASP A 81 27.03 -23.66 -33.78
C ASP A 81 26.14 -22.84 -32.85
N TYR A 82 24.85 -22.75 -33.21
CA TYR A 82 23.83 -22.23 -32.30
C TYR A 82 23.56 -23.27 -31.21
N GLY A 83 23.15 -22.84 -30.02
CA GLY A 83 22.98 -23.75 -28.89
C GLY A 83 21.56 -23.87 -28.35
N ASP A 84 21.06 -25.10 -28.29
CA ASP A 84 19.67 -25.39 -27.97
C ASP A 84 19.47 -26.32 -26.76
N LEU A 85 20.51 -27.09 -26.44
CA LEU A 85 20.45 -28.08 -25.37
C LEU A 85 21.69 -27.96 -24.45
N LEU A 86 21.54 -28.34 -23.19
CA LEU A 86 22.73 -28.69 -22.42
C LEU A 86 22.70 -30.19 -22.19
N TYR A 87 23.85 -30.73 -21.81
CA TYR A 87 24.02 -32.15 -21.67
C TYR A 87 24.64 -32.52 -20.34
N VAL A 88 24.21 -33.66 -19.81
CA VAL A 88 24.86 -34.27 -18.65
C VAL A 88 25.29 -35.65 -19.07
N ILE A 89 26.52 -36.03 -18.79
CA ILE A 89 26.95 -37.36 -19.18
C ILE A 89 26.45 -38.43 -18.20
N ASP A 90 25.80 -39.46 -18.72
CA ASP A 90 25.45 -40.63 -17.91
C ASP A 90 26.62 -41.59 -17.98
N GLN A 91 26.90 -42.07 -19.18
CA GLN A 91 28.02 -42.97 -19.39
C GLN A 91 28.86 -42.48 -20.55
N GLY A 92 30.17 -42.66 -20.44
CA GLY A 92 31.06 -42.35 -21.54
C GLY A 92 31.98 -41.19 -21.25
N GLU A 93 32.76 -40.82 -22.26
CA GLU A 93 33.73 -39.75 -22.09
C GLU A 93 33.71 -38.81 -23.28
N VAL A 94 33.86 -37.53 -22.98
CA VAL A 94 33.68 -36.49 -23.97
C VAL A 94 34.86 -35.56 -23.90
N GLU A 95 35.53 -35.35 -25.02
CA GLU A 95 36.62 -34.39 -25.03
C GLU A 95 36.12 -33.06 -25.56
N ILE A 96 36.53 -32.00 -24.87
CA ILE A 96 36.19 -30.64 -25.23
C ILE A 96 37.44 -29.99 -25.78
N TYR A 97 37.36 -29.43 -26.98
CA TYR A 97 38.55 -28.78 -27.53
C TYR A 97 38.22 -27.63 -28.45
N LYS A 98 39.24 -26.81 -28.67
CA LYS A 98 39.19 -25.69 -29.59
C LYS A 98 40.14 -25.98 -30.74
N THR A 99 39.81 -25.51 -31.94
CA THR A 99 40.72 -25.71 -33.06
C THR A 99 41.29 -24.36 -33.50
N LYS A 100 42.60 -24.21 -33.34
CA LYS A 100 43.27 -22.95 -33.61
C LYS A 100 44.29 -23.08 -34.74
N GLU A 101 45.00 -21.99 -35.01
CA GLU A 101 46.24 -22.03 -35.76
C GLU A 101 46.11 -22.80 -37.08
N ASN A 102 46.96 -23.78 -37.28
CA ASN A 102 46.94 -24.69 -38.40
C ASN A 102 46.24 -25.97 -38.02
N ASN A 103 44.96 -25.87 -37.62
CA ASN A 103 44.18 -27.05 -37.30
C ASN A 103 44.81 -27.68 -36.04
N LYS A 104 45.55 -26.89 -35.27
CA LYS A 104 46.12 -27.39 -34.03
C LYS A 104 44.98 -27.57 -33.01
N LYS A 105 44.65 -28.83 -32.71
CA LYS A 105 43.62 -29.10 -31.72
C LYS A 105 44.14 -28.70 -30.34
N GLU A 106 43.31 -27.99 -29.59
CA GLU A 106 43.67 -27.61 -28.23
C GLU A 106 42.62 -28.14 -27.28
N VAL A 107 42.97 -29.19 -26.56
CA VAL A 107 42.02 -29.87 -25.70
C VAL A 107 41.85 -29.09 -24.41
N LEU A 108 40.66 -28.56 -24.21
CA LEU A 108 40.36 -27.81 -22.99
C LEU A 108 40.21 -28.79 -21.83
N THR A 109 39.46 -29.87 -22.04
CA THR A 109 39.25 -30.83 -20.97
C THR A 109 38.63 -32.15 -21.42
N VAL A 110 38.68 -33.15 -20.54
CA VAL A 110 38.04 -34.45 -20.76
C VAL A 110 36.93 -34.65 -19.74
N LEU A 111 35.70 -34.84 -20.20
CA LEU A 111 34.56 -34.95 -19.29
C LEU A 111 34.07 -36.39 -19.20
N LYS A 112 33.55 -36.77 -18.03
CA LYS A 112 33.12 -38.14 -17.79
C LYS A 112 31.80 -38.18 -17.05
N SER A 113 31.42 -39.36 -16.57
CA SER A 113 30.09 -39.56 -15.96
C SER A 113 29.76 -38.45 -14.95
N LYS A 114 28.56 -37.89 -15.10
CA LYS A 114 27.99 -36.82 -14.26
C LYS A 114 28.42 -35.42 -14.66
N ASP A 115 29.38 -35.28 -15.58
CA ASP A 115 29.81 -33.94 -15.99
C ASP A 115 28.77 -33.25 -16.86
N VAL A 116 28.71 -31.93 -16.74
CA VAL A 116 27.75 -31.09 -17.45
C VAL A 116 28.48 -30.32 -18.54
N PHE A 117 27.90 -30.20 -19.72
CA PHE A 117 28.49 -29.29 -20.70
C PHE A 117 27.42 -28.73 -21.62
N GLY A 118 27.74 -27.61 -22.28
CA GLY A 118 26.81 -26.98 -23.19
C GLY A 118 25.94 -25.93 -22.52
N GLU A 119 26.28 -25.54 -21.30
CA GLU A 119 25.47 -24.58 -20.56
C GLU A 119 25.69 -23.13 -21.02
N LEU A 120 26.86 -22.84 -21.60
CA LEU A 120 27.23 -21.46 -21.93
C LEU A 120 26.32 -20.83 -22.99
N ALA A 121 25.95 -21.62 -24.00
CA ALA A 121 25.06 -21.13 -25.04
C ALA A 121 23.70 -20.78 -24.45
N LEU A 122 23.25 -21.58 -23.49
CA LEU A 122 21.95 -21.38 -22.86
C LEU A 122 22.01 -20.25 -21.84
N LEU A 123 23.17 -20.16 -21.17
CA LEU A 123 23.42 -19.06 -20.24
C LEU A 123 23.59 -17.74 -20.96
N TYR A 124 24.38 -17.71 -22.04
CA TYR A 124 24.77 -16.42 -22.61
C TYR A 124 24.32 -16.19 -24.04
N ASN A 125 23.46 -17.07 -24.55
CA ASN A 125 22.92 -16.93 -25.91
C ASN A 125 24.03 -16.72 -26.95
N SER A 126 25.06 -17.54 -26.85
CA SER A 126 26.28 -17.39 -27.63
C SER A 126 26.64 -18.64 -28.42
N LYS A 127 27.39 -18.47 -29.49
CA LYS A 127 27.91 -19.60 -30.27
C LYS A 127 28.65 -20.59 -29.36
N ARG A 128 28.64 -21.86 -29.72
CA ARG A 128 29.34 -22.86 -28.90
C ARG A 128 30.83 -22.55 -28.83
N ALA A 129 31.35 -22.46 -27.61
CA ALA A 129 32.70 -21.96 -27.39
C ALA A 129 33.74 -23.02 -27.76
N ALA A 130 33.31 -24.28 -27.87
CA ALA A 130 34.20 -25.36 -28.24
C ALA A 130 33.46 -26.55 -28.89
N THR A 131 34.23 -27.51 -29.35
CA THR A 131 33.68 -28.75 -29.88
C THR A 131 33.72 -29.82 -28.81
N ALA A 132 32.63 -30.57 -28.72
CA ALA A 132 32.55 -31.70 -27.81
C ALA A 132 32.45 -32.99 -28.63
N THR A 133 33.37 -33.92 -28.39
CA THR A 133 33.53 -35.12 -29.20
C THR A 133 33.46 -36.38 -28.34
N ALA A 134 32.59 -37.32 -28.71
CA ALA A 134 32.50 -38.54 -27.92
C ALA A 134 33.78 -39.35 -28.12
N LEU A 135 34.49 -39.64 -27.02
CA LEU A 135 35.71 -40.43 -27.08
C LEU A 135 35.37 -41.91 -27.02
N THR A 136 34.16 -42.19 -26.53
CA THR A 136 33.60 -43.53 -26.44
C THR A 136 32.14 -43.42 -26.88
N LYS A 137 31.40 -44.52 -26.93
CA LYS A 137 29.95 -44.38 -27.06
C LYS A 137 29.52 -43.56 -25.84
N CYS A 138 28.51 -42.71 -25.99
CA CYS A 138 28.00 -41.95 -24.86
C CYS A 138 26.49 -42.10 -24.70
N HIS A 139 26.05 -42.19 -23.45
CA HIS A 139 24.65 -41.96 -23.15
C HIS A 139 24.57 -40.61 -22.45
N LEU A 140 23.76 -39.72 -22.99
CA LEU A 140 23.66 -38.36 -22.46
C LEU A 140 22.23 -38.08 -22.06
N TRP A 141 22.04 -37.21 -21.07
CA TRP A 141 20.74 -36.64 -20.79
C TRP A 141 20.77 -35.21 -21.30
N ALA A 142 19.70 -34.82 -21.97
CA ALA A 142 19.64 -33.50 -22.61
C ALA A 142 18.55 -32.64 -21.99
N LEU A 143 18.84 -31.36 -21.76
CA LEU A 143 17.84 -30.41 -21.24
C LEU A 143 17.67 -29.31 -22.26
N ASP A 144 16.43 -29.02 -22.65
CA ASP A 144 16.23 -28.01 -23.68
C ASP A 144 16.32 -26.58 -23.12
N ARG A 145 16.51 -25.63 -24.02
CA ARG A 145 16.71 -24.23 -23.66
C ARG A 145 15.55 -23.71 -22.82
N GLU A 146 14.32 -23.98 -23.27
CA GLU A 146 13.11 -23.51 -22.61
C GLU A 146 13.05 -23.88 -21.13
N SER A 147 13.26 -25.14 -20.81
CA SER A 147 13.23 -25.58 -19.42
C SER A 147 14.34 -24.87 -18.63
N PHE A 148 15.54 -24.80 -19.22
CA PHE A 148 16.66 -24.11 -18.59
C PHE A 148 16.38 -22.62 -18.34
N THR A 149 15.77 -21.94 -19.30
CA THR A 149 15.64 -20.49 -19.12
C THR A 149 14.57 -20.14 -18.11
N TYR A 150 13.50 -20.92 -18.06
CA TYR A 150 12.41 -20.62 -17.15
C TYR A 150 12.77 -20.95 -15.71
N ILE A 151 13.44 -22.08 -15.51
CA ILE A 151 13.73 -22.62 -14.18
C ILE A 151 15.05 -22.12 -13.60
N ILE A 152 16.08 -22.09 -14.41
CA ILE A 152 17.44 -22.03 -13.92
C ILE A 152 18.20 -20.73 -14.19
N LYS A 153 18.10 -20.23 -15.43
CA LYS A 153 18.98 -19.19 -15.94
C LYS A 153 19.13 -17.94 -15.06
N ASP A 154 18.01 -17.33 -14.71
CA ASP A 154 18.04 -16.02 -14.05
C ASP A 154 18.88 -15.99 -12.78
N MET A 155 18.75 -17.01 -11.93
CA MET A 155 19.43 -16.95 -10.64
C MET A 155 20.91 -17.26 -10.78
N VAL A 156 21.25 -18.15 -11.72
CA VAL A 156 22.64 -18.47 -12.03
C VAL A 156 23.33 -17.27 -12.64
N ALA A 157 22.66 -16.62 -13.60
CA ALA A 157 23.24 -15.45 -14.26
C ALA A 157 23.47 -14.32 -13.27
N LYS A 158 22.55 -14.13 -12.32
CA LYS A 158 22.69 -13.03 -11.38
C LYS A 158 23.79 -13.30 -10.36
N LYS A 159 23.95 -14.56 -9.94
CA LYS A 159 25.01 -14.87 -8.99
C LYS A 159 26.38 -14.68 -9.65
N ARG A 160 26.50 -15.08 -10.91
CA ARG A 160 27.71 -14.83 -11.66
C ARG A 160 27.96 -13.33 -11.85
N LYS A 161 26.94 -12.58 -12.21
CA LYS A 161 27.10 -11.12 -12.31
C LYS A 161 27.59 -10.51 -11.00
N MET A 162 27.10 -11.01 -9.88
CA MET A 162 27.48 -10.48 -8.57
C MET A 162 28.96 -10.69 -8.22
N TYR A 163 29.57 -11.76 -8.71
CA TYR A 163 30.88 -12.18 -8.22
C TYR A 163 31.99 -12.33 -9.27
N GLU A 164 31.62 -12.41 -10.55
CA GLU A 164 32.57 -12.66 -11.64
C GLU A 164 33.80 -11.73 -11.61
N ASP A 165 33.56 -10.45 -11.35
CA ASP A 165 34.59 -9.43 -11.42
C ASP A 165 35.46 -9.47 -10.19
N ILE A 166 34.79 -9.58 -9.04
CA ILE A 166 35.44 -9.71 -7.75
C ILE A 166 36.45 -10.85 -7.77
N LEU A 167 36.00 -12.00 -8.27
CA LEU A 167 36.85 -13.17 -8.34
C LEU A 167 38.03 -12.97 -9.29
N SER A 168 37.85 -12.26 -10.40
CA SER A 168 38.99 -12.02 -11.29
C SER A 168 40.06 -11.11 -10.64
N HIS A 169 39.72 -10.46 -9.53
CA HIS A 169 40.74 -9.65 -8.84
C HIS A 169 41.28 -10.32 -7.59
N VAL A 170 40.82 -11.52 -7.29
CA VAL A 170 41.38 -12.29 -6.18
C VAL A 170 42.70 -12.92 -6.64
N ASN A 171 43.79 -12.59 -5.96
CA ASN A 171 45.11 -12.93 -6.48
C ASN A 171 45.36 -14.43 -6.73
N ILE A 172 44.91 -15.30 -5.83
CA ILE A 172 45.15 -16.73 -6.08
C ILE A 172 44.31 -17.27 -7.24
N LEU A 173 43.21 -16.62 -7.59
CA LEU A 173 42.39 -17.13 -8.69
C LEU A 173 42.79 -16.57 -10.05
N LYS A 174 43.76 -15.66 -10.06
CA LYS A 174 44.14 -14.97 -11.30
C LYS A 174 44.81 -15.88 -12.32
N ASP A 175 45.31 -17.02 -11.86
CA ASP A 175 45.95 -17.99 -12.74
C ASP A 175 44.99 -19.09 -13.14
N MET A 176 43.69 -18.79 -13.08
CA MET A 176 42.66 -19.75 -13.45
C MET A 176 41.97 -19.32 -14.75
N ASP A 177 41.58 -20.32 -15.54
CA ASP A 177 40.72 -20.12 -16.70
C ASP A 177 39.46 -19.38 -16.25
N PRO A 178 39.04 -18.34 -17.01
CA PRO A 178 37.79 -17.64 -16.73
C PRO A 178 36.59 -18.59 -16.62
N TYR A 179 36.56 -19.59 -17.51
CA TYR A 179 35.49 -20.59 -17.47
C TYR A 179 35.48 -21.30 -16.13
N GLU A 180 36.64 -21.76 -15.70
CA GLU A 180 36.73 -22.39 -14.40
C GLU A 180 36.38 -21.44 -13.24
N ARG A 181 36.70 -20.14 -13.40
CA ARG A 181 36.45 -19.18 -12.32
C ARG A 181 34.96 -18.85 -12.12
N CYS A 182 34.21 -18.73 -13.21
CA CYS A 182 32.75 -18.55 -13.11
C CYS A 182 32.06 -19.67 -12.33
N LYS A 183 32.66 -20.84 -12.36
CA LYS A 183 32.16 -21.93 -11.54
C LYS A 183 32.32 -21.67 -10.05
N VAL A 184 33.37 -20.94 -9.67
CA VAL A 184 33.56 -20.61 -8.26
C VAL A 184 32.36 -19.79 -7.82
N ALA A 185 31.94 -18.86 -8.67
CA ALA A 185 30.79 -18.00 -8.39
C ALA A 185 29.53 -18.81 -8.10
N ASP A 186 29.31 -19.85 -8.89
CA ASP A 186 28.13 -20.70 -8.72
C ASP A 186 28.02 -21.33 -7.32
N CYS A 187 29.15 -21.73 -6.73
CA CYS A 187 29.03 -22.46 -5.48
C CYS A 187 29.33 -21.63 -4.24
N LEU A 188 29.53 -20.32 -4.41
CA LEU A 188 29.85 -19.40 -3.30
C LEU A 188 28.72 -19.20 -2.32
N LYS A 189 29.05 -19.14 -1.04
CA LYS A 189 28.08 -18.62 -0.07
C LYS A 189 28.59 -17.28 0.44
N SER A 190 27.68 -16.42 0.91
CA SER A 190 28.01 -15.07 1.37
C SER A 190 27.75 -14.92 2.85
N LYS A 191 28.55 -14.09 3.51
CA LYS A 191 28.35 -13.80 4.93
C LYS A 191 29.11 -12.56 5.34
N SER A 192 28.56 -11.81 6.29
CA SER A 192 29.23 -10.63 6.81
C SER A 192 29.55 -10.75 8.31
N TYR A 193 30.57 -10.03 8.74
CA TYR A 193 31.00 -10.02 10.15
C TYR A 193 31.11 -8.57 10.63
N ASN A 194 30.73 -8.33 11.87
CA ASN A 194 30.84 -6.98 12.44
C ASN A 194 32.17 -6.79 13.15
N ASP A 195 32.52 -5.52 13.34
CA ASP A 195 33.69 -5.12 14.10
C ASP A 195 33.83 -5.95 15.37
N GLY A 196 35.00 -6.60 15.52
CA GLY A 196 35.28 -7.40 16.70
C GLY A 196 34.90 -8.86 16.55
N GLU A 197 33.92 -9.15 15.69
CA GLU A 197 33.46 -10.53 15.50
C GLU A 197 34.57 -11.46 15.03
N ILE A 198 34.52 -12.68 15.55
CA ILE A 198 35.52 -13.69 15.20
C ILE A 198 35.05 -14.55 14.03
N ILE A 199 35.90 -14.66 13.01
CA ILE A 199 35.54 -15.43 11.81
C ILE A 199 36.01 -16.89 11.99
N ILE A 200 37.25 -17.07 12.42
CA ILE A 200 37.84 -18.39 12.60
C ILE A 200 38.54 -18.38 13.94
N LYS A 201 38.30 -19.41 14.75
CA LYS A 201 38.90 -19.54 16.08
C LYS A 201 39.96 -20.63 16.14
N GLU A 202 41.16 -20.24 16.54
CA GLU A 202 42.26 -21.15 16.79
C GLU A 202 41.78 -22.33 17.64
N GLY A 203 42.06 -23.55 17.20
CA GLY A 203 41.68 -24.74 17.97
C GLY A 203 40.33 -25.35 17.64
N GLU A 204 39.47 -24.61 16.96
CA GLU A 204 38.17 -25.15 16.54
C GLU A 204 38.27 -25.99 15.26
N GLU A 205 37.34 -26.93 15.12
CA GLU A 205 37.24 -27.69 13.88
C GLU A 205 36.57 -26.87 12.79
N GLY A 206 37.12 -26.89 11.58
CA GLY A 206 36.56 -26.11 10.50
C GLY A 206 36.61 -26.83 9.16
N ASP A 207 35.74 -26.43 8.24
CA ASP A 207 35.62 -27.13 6.96
C ASP A 207 35.46 -26.15 5.81
N THR A 208 35.92 -24.92 6.02
CA THR A 208 35.52 -23.83 5.15
C THR A 208 36.70 -22.95 4.71
N PHE A 209 36.70 -22.63 3.42
CA PHE A 209 37.66 -21.77 2.78
C PHE A 209 37.01 -20.41 2.49
N PHE A 210 37.68 -19.32 2.86
CA PHE A 210 37.17 -17.94 2.83
C PHE A 210 37.92 -16.99 1.89
N ILE A 211 37.17 -16.12 1.24
CA ILE A 211 37.77 -14.96 0.58
C ILE A 211 37.13 -13.70 1.16
N LEU A 212 37.98 -12.77 1.59
CA LEU A 212 37.47 -11.49 2.06
C LEU A 212 37.19 -10.59 0.84
N ILE A 213 35.94 -10.18 0.65
CA ILE A 213 35.65 -9.35 -0.52
C ILE A 213 35.44 -7.89 -0.15
N ASP A 214 35.34 -7.60 1.14
CA ASP A 214 35.23 -6.22 1.61
C ASP A 214 35.57 -6.10 3.10
N GLY A 215 36.44 -5.16 3.46
CA GLY A 215 36.72 -4.92 4.86
C GLY A 215 38.10 -5.34 5.26
N ASN A 216 38.30 -5.55 6.56
CA ASN A 216 39.64 -5.72 7.13
C ASN A 216 39.61 -6.73 8.25
N ALA A 217 40.61 -7.60 8.34
CA ALA A 217 40.63 -8.62 9.39
C ALA A 217 42.06 -8.94 9.77
N VAL A 218 42.24 -9.62 10.90
CA VAL A 218 43.58 -9.78 11.41
C VAL A 218 43.77 -11.19 11.97
N ALA A 219 44.91 -11.80 11.68
CA ALA A 219 45.17 -13.16 12.17
C ALA A 219 46.18 -13.15 13.33
N SER A 220 45.90 -13.96 14.33
CA SER A 220 46.77 -14.08 15.50
C SER A 220 46.90 -15.53 15.97
N LYS A 221 48.00 -15.84 16.65
CA LYS A 221 48.24 -17.17 17.18
C LYS A 221 49.00 -17.05 18.50
N ASP A 222 48.47 -17.70 19.55
CA ASP A 222 48.96 -17.48 20.92
C ASP A 222 49.05 -15.97 21.22
N ASN A 223 48.01 -15.23 20.80
CA ASN A 223 47.88 -13.78 21.00
C ASN A 223 48.96 -12.93 20.33
N LYS A 224 49.74 -13.51 19.41
CA LYS A 224 50.67 -12.74 18.59
C LYS A 224 50.10 -12.49 17.20
N VAL A 225 50.24 -11.28 16.66
CA VAL A 225 49.65 -11.01 15.37
C VAL A 225 50.56 -11.55 14.26
N ILE A 226 49.97 -12.26 13.32
CA ILE A 226 50.77 -12.95 12.31
C ILE A 226 50.40 -12.51 10.90
N LYS A 227 49.23 -11.91 10.72
CA LYS A 227 48.87 -11.41 9.39
C LYS A 227 47.70 -10.44 9.45
N THR A 228 47.72 -9.46 8.54
CA THR A 228 46.56 -8.58 8.29
C THR A 228 45.93 -8.83 6.91
N TYR A 229 44.61 -8.65 6.80
CA TYR A 229 43.90 -9.01 5.57
C TYR A 229 43.09 -7.83 5.06
N THR A 230 43.04 -7.69 3.73
CA THR A 230 42.16 -6.71 3.12
C THR A 230 41.50 -7.37 1.95
N LYS A 231 40.74 -6.57 1.20
CA LYS A 231 39.93 -7.06 0.08
C LYS A 231 40.74 -7.93 -0.88
N GLY A 232 40.18 -9.09 -1.23
CA GLY A 232 40.79 -10.00 -2.17
C GLY A 232 41.67 -11.08 -1.54
N ASP A 233 41.97 -10.93 -0.25
CA ASP A 233 42.74 -11.94 0.48
C ASP A 233 41.89 -13.19 0.79
N TYR A 234 42.56 -14.32 1.04
CA TYR A 234 41.85 -15.55 1.36
C TYR A 234 42.44 -16.08 2.64
N PHE A 235 41.67 -16.89 3.34
CA PHE A 235 42.19 -17.61 4.48
C PHE A 235 41.29 -18.83 4.81
N GLY A 236 41.80 -19.72 5.68
CA GLY A 236 41.05 -20.89 6.12
C GLY A 236 41.29 -22.12 5.25
N GLU A 237 42.34 -22.06 4.44
CA GLU A 237 42.68 -23.18 3.57
C GLU A 237 43.50 -24.24 4.30
N LEU A 238 44.21 -23.83 5.34
CA LEU A 238 45.18 -24.70 5.98
C LEU A 238 44.49 -25.90 6.61
N ALA A 239 43.31 -25.69 7.21
CA ALA A 239 42.64 -26.78 7.88
C ALA A 239 42.19 -27.78 6.83
N LEU A 240 41.95 -27.27 5.62
CA LEU A 240 41.47 -28.07 4.51
C LEU A 240 42.62 -28.84 3.86
N LEU A 241 43.75 -28.18 3.68
CA LEU A 241 44.92 -28.85 3.11
C LEU A 241 45.57 -29.83 4.09
N LYS A 242 45.39 -29.62 5.40
CA LYS A 242 46.11 -30.40 6.42
C LYS A 242 45.25 -31.35 7.26
N ASN A 243 43.92 -31.19 7.19
CA ASN A 243 42.97 -31.90 8.07
C ASN A 243 43.26 -31.75 9.56
N LYS A 244 43.62 -30.53 9.96
CA LYS A 244 43.87 -30.20 11.35
C LYS A 244 42.88 -29.14 11.80
N PRO A 245 42.77 -28.93 13.11
CA PRO A 245 41.98 -27.79 13.58
C PRO A 245 42.57 -26.48 13.07
N ARG A 246 41.77 -25.42 13.09
CA ARG A 246 42.21 -24.09 12.72
C ARG A 246 43.50 -23.69 13.44
N ALA A 247 44.48 -23.18 12.69
CA ALA A 247 45.82 -22.99 13.25
C ALA A 247 46.02 -21.60 13.86
N ALA A 248 45.01 -20.75 13.69
CA ALA A 248 45.13 -19.34 14.01
C ALA A 248 43.72 -18.80 14.20
N THR A 249 43.60 -17.71 14.93
CA THR A 249 42.32 -17.01 15.09
C THR A 249 42.25 -15.86 14.11
N ILE A 250 41.11 -15.69 13.48
CA ILE A 250 41.01 -14.58 12.54
C ILE A 250 39.82 -13.73 12.95
N LYS A 251 40.05 -12.43 13.09
CA LYS A 251 39.05 -11.52 13.66
C LYS A 251 38.80 -10.34 12.72
N ALA A 252 37.52 -9.99 12.53
CA ALA A 252 37.17 -8.80 11.78
C ALA A 252 37.55 -7.52 12.55
N GLN A 253 37.92 -6.46 11.81
CA GLN A 253 38.29 -5.20 12.42
C GLN A 253 37.36 -4.07 12.01
N ASN A 254 36.40 -4.39 11.15
CA ASN A 254 35.41 -3.43 10.66
C ASN A 254 34.26 -4.26 10.12
N PHE A 255 33.42 -3.69 9.24
CA PHE A 255 32.36 -4.49 8.66
C PHE A 255 32.84 -5.33 7.47
N CYS A 256 33.22 -6.58 7.76
CA CYS A 256 33.73 -7.50 6.75
C CYS A 256 32.64 -8.22 5.96
N GLN A 257 32.85 -8.37 4.66
CA GLN A 257 32.06 -9.30 3.88
C GLN A 257 32.98 -10.37 3.33
N VAL A 258 32.56 -11.63 3.45
CA VAL A 258 33.34 -12.74 2.92
C VAL A 258 32.48 -13.59 2.01
N VAL A 259 33.14 -14.36 1.14
CA VAL A 259 32.46 -15.46 0.47
C VAL A 259 33.19 -16.72 0.91
N TYR A 260 32.51 -17.86 0.92
CA TYR A 260 33.23 -19.06 1.31
C TYR A 260 32.77 -20.31 0.54
N LEU A 261 33.66 -21.30 0.51
CA LEU A 261 33.42 -22.59 -0.14
C LEU A 261 33.49 -23.69 0.92
N ASP A 262 32.69 -24.75 0.77
CA ASP A 262 32.84 -25.92 1.62
C ASP A 262 34.05 -26.77 1.17
N ARG A 263 34.41 -27.77 1.97
CA ARG A 263 35.57 -28.59 1.64
C ARG A 263 35.45 -29.31 0.28
N LYS A 264 34.30 -29.86 -0.04
CA LYS A 264 34.21 -30.62 -1.28
C LYS A 264 34.30 -29.68 -2.50
N SER A 265 33.72 -28.50 -2.42
CA SER A 265 33.88 -27.51 -3.48
C SER A 265 35.33 -27.03 -3.59
N PHE A 266 35.94 -26.72 -2.46
CA PHE A 266 37.35 -26.40 -2.41
C PHE A 266 38.21 -27.44 -3.13
N LYS A 267 38.04 -28.74 -2.85
CA LYS A 267 38.94 -29.68 -3.52
C LYS A 267 38.52 -29.95 -4.96
N ARG A 268 37.25 -29.72 -5.30
CA ARG A 268 36.84 -29.84 -6.70
C ARG A 268 37.44 -28.68 -7.54
N LEU A 269 37.34 -27.46 -7.01
CA LEU A 269 37.66 -26.27 -7.80
C LEU A 269 39.09 -25.76 -7.68
N LEU A 270 39.68 -25.85 -6.51
CA LEU A 270 40.99 -25.27 -6.33
C LEU A 270 42.06 -26.37 -6.29
N GLY A 271 41.95 -27.30 -7.23
CA GLY A 271 43.01 -28.22 -7.57
C GLY A 271 44.12 -27.59 -8.40
N PRO A 272 43.74 -26.91 -9.51
CA PRO A 272 44.71 -26.18 -10.35
C PRO A 272 45.55 -25.14 -9.60
N ILE A 273 45.23 -24.83 -8.35
CA ILE A 273 46.03 -23.89 -7.58
C ILE A 273 46.55 -24.48 -6.25
N GLU A 274 46.62 -25.81 -6.15
CA GLU A 274 47.22 -26.46 -5.00
C GLU A 274 48.65 -25.99 -4.80
N ASP A 275 49.38 -25.92 -5.91
CA ASP A 275 50.79 -25.56 -5.92
C ASP A 275 51.01 -24.15 -5.35
N ILE A 276 50.16 -23.20 -5.74
CA ILE A 276 50.25 -21.86 -5.19
C ILE A 276 49.93 -21.86 -3.69
N LEU A 277 48.81 -22.49 -3.32
CA LEU A 277 48.41 -22.53 -1.91
C LEU A 277 49.51 -23.09 -1.02
N HIS A 278 50.11 -24.20 -1.43
CA HIS A 278 51.20 -24.82 -0.69
C HIS A 278 52.43 -23.92 -0.60
N ARG A 279 52.64 -23.11 -1.61
CA ARG A 279 53.77 -22.21 -1.57
C ARG A 279 53.51 -21.11 -0.55
N ASN A 280 52.31 -20.56 -0.56
CA ASN A 280 51.97 -19.53 0.43
C ASN A 280 52.03 -20.10 1.85
N VAL A 281 51.80 -21.41 1.97
CA VAL A 281 51.88 -22.09 3.26
C VAL A 281 53.29 -22.01 3.87
N GLU A 282 54.33 -21.97 3.06
CA GLU A 282 55.67 -21.97 3.63
C GLU A 282 56.17 -20.57 3.98
N ASN A 283 55.43 -19.54 3.59
CA ASN A 283 55.65 -18.20 4.14
C ASN A 283 55.11 -18.10 5.56
N TYR A 284 53.97 -18.76 5.80
CA TYR A 284 53.46 -18.96 7.15
C TYR A 284 54.58 -19.48 8.04
N LYS A 285 55.28 -20.50 7.54
CA LYS A 285 56.35 -21.15 8.26
C LYS A 285 57.41 -20.14 8.71
N LYS A 286 57.80 -19.25 7.79
CA LYS A 286 58.83 -18.27 8.12
C LYS A 286 58.33 -17.29 9.19
N VAL A 287 57.06 -16.91 9.12
CA VAL A 287 56.45 -16.03 10.12
C VAL A 287 56.44 -16.73 11.47
N LEU A 288 55.98 -17.97 11.48
CA LEU A 288 55.88 -18.75 12.71
C LEU A 288 57.25 -18.97 13.34
N ASN A 289 58.26 -19.24 12.54
CA ASN A 289 59.58 -19.47 13.10
C ASN A 289 60.16 -18.18 13.68
N GLU A 290 59.85 -17.04 13.04
CA GLU A 290 60.35 -15.74 13.52
C GLU A 290 59.74 -15.36 14.88
N LEU A 291 58.45 -15.60 15.03
CA LEU A 291 57.71 -15.26 16.25
C LEU A 291 57.85 -16.32 17.34
N GLY A 292 58.66 -17.34 17.11
CA GLY A 292 58.74 -18.48 18.01
C GLY A 292 57.38 -19.11 18.27
N LEU A 293 56.67 -19.44 17.20
CA LEU A 293 55.35 -20.09 17.34
C LEU A 293 55.38 -21.53 16.84
N ASP A 294 54.27 -22.24 17.03
CA ASP A 294 54.19 -23.64 16.63
C ASP A 294 54.18 -23.79 15.12
N THR A 295 55.12 -24.56 14.60
CA THR A 295 55.24 -24.79 13.16
C THR A 295 54.81 -26.21 12.77
N THR A 296 54.30 -26.97 13.73
CA THR A 296 53.84 -28.33 13.46
C THR A 296 52.42 -28.29 12.88
N CYS A 297 51.77 -27.13 12.96
CA CYS A 297 50.49 -26.91 12.29
C CYS A 297 50.65 -26.86 10.77
N ILE A 298 51.89 -26.67 10.30
CA ILE A 298 52.19 -26.66 8.87
C ILE A 298 52.36 -28.08 8.32
N ASP A 299 52.95 -28.97 9.10
CA ASP A 299 53.11 -30.35 8.64
C ASP A 299 51.77 -31.08 8.64
N GLU A 300 51.72 -32.25 8.01
CA GLU A 300 50.45 -32.94 7.84
C GLU A 300 50.23 -34.08 8.85
N ASN A 301 48.98 -34.28 9.26
CA ASN A 301 48.58 -35.49 9.98
C ASN A 301 47.09 -35.83 9.79
N SER B 9 -58.60 6.91 -6.67
CA SER B 9 -57.63 7.50 -5.75
C SER B 9 -58.16 8.80 -5.14
N VAL B 10 -59.06 9.46 -5.85
CA VAL B 10 -59.52 10.78 -5.47
C VAL B 10 -60.85 10.81 -4.70
N SER B 11 -60.80 11.34 -3.47
CA SER B 11 -61.99 11.56 -2.67
C SER B 11 -62.07 13.02 -2.20
N ALA B 12 -63.11 13.33 -1.43
CA ALA B 12 -63.26 14.65 -0.80
C ALA B 12 -64.42 14.63 0.20
N ASN B 24 -63.40 28.51 -0.94
CA ASN B 24 -62.78 28.80 -2.23
C ASN B 24 -61.83 27.67 -2.66
N PHE B 25 -61.05 27.16 -1.72
CA PHE B 25 -60.08 26.11 -2.04
C PHE B 25 -60.48 24.77 -1.47
N ILE B 26 -60.85 23.83 -2.33
CA ILE B 26 -61.13 22.47 -1.90
C ILE B 26 -59.87 21.63 -2.02
N PRO B 27 -59.35 21.18 -0.88
CA PRO B 27 -58.12 20.40 -0.86
C PRO B 27 -58.36 19.05 -1.49
N LYS B 28 -57.27 18.46 -1.96
CA LYS B 28 -57.36 17.26 -2.75
C LYS B 28 -56.86 16.09 -1.86
N VAL B 29 -57.58 14.97 -1.86
CA VAL B 29 -57.22 13.78 -1.11
C VAL B 29 -56.92 12.56 -2.02
N TYR B 30 -55.65 12.16 -2.15
CA TYR B 30 -55.26 10.98 -2.95
C TYR B 30 -55.05 9.73 -2.09
N LYS B 31 -55.71 8.63 -2.45
CA LYS B 31 -55.70 7.40 -1.62
C LYS B 31 -54.31 6.82 -1.39
N LYS B 32 -53.96 6.63 -0.12
CA LYS B 32 -52.70 6.02 0.28
C LYS B 32 -52.89 5.06 1.48
N ASP B 33 -52.09 4.00 1.53
CA ASP B 33 -52.08 3.09 2.68
C ASP B 33 -51.47 3.77 3.91
N GLU B 34 -51.63 3.15 5.07
CA GLU B 34 -51.15 3.76 6.33
C GLU B 34 -49.64 3.84 6.43
N LYS B 35 -48.94 2.77 6.03
CA LYS B 35 -47.48 2.79 6.06
C LYS B 35 -46.91 3.86 5.14
N GLU B 36 -47.56 4.11 4.01
CA GLU B 36 -47.10 5.17 3.13
C GLU B 36 -47.30 6.56 3.75
N LYS B 37 -48.46 6.79 4.35
CA LYS B 37 -48.70 8.07 5.00
C LYS B 37 -47.71 8.30 6.15
N ALA B 38 -47.40 7.24 6.87
CA ALA B 38 -46.45 7.32 7.98
C ALA B 38 -45.08 7.71 7.46
N LYS B 39 -44.69 7.22 6.28
CA LYS B 39 -43.39 7.60 5.75
C LYS B 39 -43.38 9.04 5.26
N ILE B 40 -44.48 9.50 4.70
CA ILE B 40 -44.57 10.90 4.28
C ILE B 40 -44.53 11.82 5.52
N ARG B 41 -45.28 11.47 6.56
CA ARG B 41 -45.29 12.27 7.78
C ARG B 41 -43.90 12.38 8.36
N GLU B 42 -43.22 11.24 8.44
CA GLU B 42 -41.83 11.27 8.88
C GLU B 42 -41.00 12.26 8.05
N ALA B 43 -41.08 12.20 6.73
CA ALA B 43 -40.29 13.10 5.88
C ALA B 43 -40.66 14.57 6.08
N LEU B 44 -41.95 14.86 6.12
CA LEU B 44 -42.39 16.26 6.26
C LEU B 44 -42.05 16.82 7.64
N ASN B 45 -42.01 15.98 8.66
CA ASN B 45 -41.66 16.43 10.01
C ASN B 45 -40.18 16.77 10.15
N GLU B 46 -39.37 16.25 9.24
CA GLU B 46 -37.94 16.55 9.23
C GLU B 46 -37.68 17.81 8.44
N SER B 47 -38.63 18.18 7.58
CA SER B 47 -38.51 19.39 6.79
C SER B 47 -39.15 20.57 7.51
N PHE B 48 -38.40 21.67 7.64
CA PHE B 48 -39.01 22.81 8.28
C PHE B 48 -39.77 23.64 7.26
N LEU B 49 -39.87 23.15 6.03
CA LEU B 49 -40.77 23.69 5.05
C LEU B 49 -42.20 23.40 5.48
N PHE B 50 -42.36 22.31 6.22
CA PHE B 50 -43.69 21.78 6.55
C PHE B 50 -44.04 21.76 8.05
N ASN B 51 -43.13 21.28 8.90
CA ASN B 51 -43.48 20.94 10.30
C ASN B 51 -44.01 22.11 11.15
N HIS B 52 -44.16 23.27 10.52
CA HIS B 52 -44.70 24.47 11.13
C HIS B 52 -46.24 24.57 10.99
N LEU B 53 -46.84 23.57 10.34
CA LEU B 53 -48.28 23.59 10.08
C LEU B 53 -49.05 23.01 11.26
N ASN B 54 -50.31 23.43 11.41
CA ASN B 54 -51.18 22.80 12.41
C ASN B 54 -51.48 21.37 11.98
N LYS B 55 -51.91 20.53 12.92
CA LYS B 55 -52.20 19.13 12.62
C LYS B 55 -53.10 18.95 11.39
N LYS B 56 -54.13 19.79 11.28
CA LYS B 56 -55.11 19.66 10.21
C LYS B 56 -54.51 19.98 8.85
N GLU B 57 -53.83 21.12 8.76
CA GLU B 57 -53.17 21.53 7.52
C GLU B 57 -52.15 20.49 7.10
N PHE B 58 -51.38 20.02 8.08
CA PHE B 58 -50.34 19.03 7.85
C PHE B 58 -50.92 17.81 7.18
N GLU B 59 -52.09 17.40 7.65
CA GLU B 59 -52.71 16.17 7.20
C GLU B 59 -53.37 16.41 5.86
N ILE B 60 -53.78 17.64 5.60
CA ILE B 60 -54.23 18.01 4.27
C ILE B 60 -53.07 17.85 3.29
N ILE B 61 -51.89 18.33 3.68
CA ILE B 61 -50.74 18.21 2.79
C ILE B 61 -50.39 16.75 2.54
N VAL B 62 -50.44 15.92 3.60
CA VAL B 62 -50.11 14.51 3.46
C VAL B 62 -51.01 13.82 2.43
N ASN B 63 -52.31 14.13 2.46
CA ASN B 63 -53.26 13.53 1.54
C ASN B 63 -53.13 14.08 0.13
N ALA B 64 -52.63 15.31 -0.02
CA ALA B 64 -52.54 15.93 -1.35
C ALA B 64 -51.33 15.46 -2.15
N PHE B 65 -50.37 14.82 -1.49
CA PHE B 65 -49.23 14.28 -2.20
C PHE B 65 -49.67 13.13 -3.11
N PHE B 66 -49.01 12.98 -4.26
CA PHE B 66 -49.28 11.78 -5.08
C PHE B 66 -47.95 11.17 -5.49
N ASP B 67 -47.98 9.96 -6.05
CA ASP B 67 -46.74 9.25 -6.28
C ASP B 67 -46.17 9.55 -7.66
N LYS B 68 -44.88 9.28 -7.80
CA LYS B 68 -44.16 9.49 -9.04
C LYS B 68 -42.93 8.59 -9.03
N ASN B 69 -42.92 7.60 -9.92
CA ASN B 69 -41.79 6.68 -10.02
C ASN B 69 -40.93 7.01 -11.22
N VAL B 70 -39.64 6.83 -11.07
CA VAL B 70 -38.66 7.35 -12.00
C VAL B 70 -37.55 6.31 -12.13
N GLU B 71 -37.17 6.01 -13.39
CA GLU B 71 -36.03 5.15 -13.66
C GLU B 71 -34.71 5.87 -13.45
N LYS B 72 -33.69 5.12 -13.08
CA LYS B 72 -32.30 5.59 -13.05
C LYS B 72 -31.88 6.31 -14.34
N GLY B 73 -31.35 7.52 -14.22
CA GLY B 73 -30.85 8.26 -15.37
C GLY B 73 -31.80 9.33 -15.85
N VAL B 74 -33.02 9.30 -15.35
CA VAL B 74 -33.99 10.32 -15.71
C VAL B 74 -33.65 11.65 -15.04
N ASN B 75 -33.72 12.74 -15.80
CA ASN B 75 -33.71 14.06 -15.22
C ASN B 75 -35.12 14.38 -14.74
N ILE B 76 -35.35 14.21 -13.44
CA ILE B 76 -36.65 14.54 -12.83
C ILE B 76 -37.01 16.00 -13.11
N ILE B 77 -35.98 16.85 -13.09
CA ILE B 77 -36.11 18.28 -13.34
C ILE B 77 -34.91 18.75 -14.16
N ASN B 78 -35.15 19.64 -15.11
CA ASN B 78 -34.07 20.21 -15.92
C ASN B 78 -33.77 21.67 -15.54
N GLU B 79 -32.49 22.01 -15.39
CA GLU B 79 -32.09 23.40 -15.13
C GLU B 79 -32.62 24.29 -16.25
N GLY B 80 -33.47 25.26 -15.90
CA GLY B 80 -33.98 26.18 -16.90
C GLY B 80 -35.47 26.01 -17.17
N ASP B 81 -35.98 24.82 -16.91
CA ASP B 81 -37.39 24.50 -17.11
C ASP B 81 -38.31 25.28 -16.17
N TYR B 82 -39.59 25.31 -16.49
CA TYR B 82 -40.61 25.85 -15.59
C TYR B 82 -41.06 24.78 -14.59
N GLY B 83 -41.50 25.17 -13.39
CA GLY B 83 -41.86 24.18 -12.37
C GLY B 83 -43.22 24.27 -11.69
N ASP B 84 -43.95 23.16 -11.66
CA ASP B 84 -45.27 23.16 -11.03
C ASP B 84 -45.42 22.11 -9.93
N LEU B 85 -44.34 21.37 -9.65
CA LEU B 85 -44.30 20.36 -8.59
C LEU B 85 -43.11 20.58 -7.65
N LEU B 86 -43.25 20.18 -6.39
CA LEU B 86 -42.08 19.91 -5.56
C LEU B 86 -42.06 18.42 -5.27
N TYR B 87 -40.89 17.92 -4.91
CA TYR B 87 -40.73 16.50 -4.71
C TYR B 87 -40.12 16.20 -3.37
N VAL B 88 -40.56 15.07 -2.81
CA VAL B 88 -39.99 14.48 -1.60
C VAL B 88 -39.51 13.08 -1.96
N ILE B 89 -38.30 12.74 -1.56
CA ILE B 89 -37.80 11.41 -1.92
C ILE B 89 -38.25 10.37 -0.88
N ASP B 90 -38.80 9.27 -1.37
CA ASP B 90 -39.12 8.11 -0.54
C ASP B 90 -37.93 7.14 -0.55
N GLN B 91 -37.66 6.55 -1.72
CA GLN B 91 -36.51 5.68 -1.87
C GLN B 91 -35.68 6.17 -3.05
N GLY B 92 -34.37 5.96 -2.96
CA GLY B 92 -33.50 6.35 -4.05
C GLY B 92 -32.67 7.57 -3.76
N GLU B 93 -31.91 7.99 -4.76
CA GLU B 93 -31.01 9.12 -4.64
C GLU B 93 -31.03 10.00 -5.88
N VAL B 94 -30.93 11.31 -5.66
CA VAL B 94 -31.06 12.29 -6.71
C VAL B 94 -29.86 13.23 -6.64
N GLU B 95 -29.16 13.39 -7.77
CA GLU B 95 -28.03 14.30 -7.85
C GLU B 95 -28.52 15.64 -8.38
N ILE B 96 -28.16 16.72 -7.69
CA ILE B 96 -28.51 18.07 -8.11
C ILE B 96 -27.28 18.75 -8.67
N TYR B 97 -27.38 19.34 -9.85
CA TYR B 97 -26.22 19.97 -10.43
C TYR B 97 -26.56 21.09 -11.40
N LYS B 98 -25.62 22.02 -11.58
CA LYS B 98 -25.75 23.09 -12.55
C LYS B 98 -24.83 22.81 -13.72
N THR B 99 -25.20 23.31 -14.91
CA THR B 99 -24.35 23.17 -16.09
C THR B 99 -23.82 24.52 -16.53
N LYS B 100 -22.51 24.70 -16.44
CA LYS B 100 -21.88 25.99 -16.73
C LYS B 100 -20.88 25.92 -17.89
N GLU B 101 -20.44 27.10 -18.35
CA GLU B 101 -19.82 27.35 -19.66
C GLU B 101 -19.71 26.11 -20.58
N ASN B 102 -18.59 25.38 -20.61
CA ASN B 102 -18.41 24.30 -21.58
C ASN B 102 -19.08 23.00 -21.14
N ASN B 103 -20.32 23.10 -20.71
CA ASN B 103 -21.11 21.96 -20.25
C ASN B 103 -20.34 21.33 -19.06
N LYS B 104 -19.69 22.19 -18.28
CA LYS B 104 -19.10 21.74 -17.03
C LYS B 104 -20.24 21.48 -16.05
N LYS B 105 -20.45 20.22 -15.70
CA LYS B 105 -21.49 19.88 -14.74
C LYS B 105 -20.95 20.16 -13.33
N GLU B 106 -21.65 21.03 -12.59
CA GLU B 106 -21.25 21.38 -11.24
C GLU B 106 -22.22 20.81 -10.22
N VAL B 107 -21.78 19.79 -9.49
CA VAL B 107 -22.62 19.07 -8.55
C VAL B 107 -22.88 19.85 -7.27
N LEU B 108 -24.15 20.15 -7.00
CA LEU B 108 -24.49 20.92 -5.80
C LEU B 108 -24.70 19.98 -4.62
N THR B 109 -25.48 18.92 -4.81
CA THR B 109 -25.77 17.99 -3.72
C THR B 109 -26.28 16.66 -4.23
N VAL B 110 -26.04 15.62 -3.45
CA VAL B 110 -26.69 14.34 -3.63
C VAL B 110 -27.82 14.26 -2.60
N LEU B 111 -29.06 14.07 -3.06
CA LEU B 111 -30.21 13.99 -2.16
C LEU B 111 -30.67 12.54 -2.00
N LYS B 112 -31.18 12.21 -0.81
CA LYS B 112 -31.57 10.83 -0.48
C LYS B 112 -32.91 10.80 0.24
N SER B 113 -33.28 9.61 0.72
CA SER B 113 -34.56 9.40 1.42
C SER B 113 -34.95 10.54 2.36
N LYS B 114 -36.19 11.01 2.21
CA LYS B 114 -36.80 12.09 3.00
C LYS B 114 -36.39 13.50 2.56
N ASP B 115 -35.47 13.64 1.62
CA ASP B 115 -35.05 14.97 1.17
C ASP B 115 -36.11 15.60 0.27
N VAL B 116 -36.15 16.91 0.30
CA VAL B 116 -37.15 17.69 -0.43
C VAL B 116 -36.45 18.50 -1.50
N PHE B 117 -36.96 18.52 -2.72
CA PHE B 117 -36.41 19.46 -3.69
C PHE B 117 -37.48 19.95 -4.65
N GLY B 118 -37.20 21.07 -5.30
CA GLY B 118 -38.13 21.62 -6.29
C GLY B 118 -39.02 22.70 -5.70
N GLU B 119 -38.73 23.14 -4.49
CA GLU B 119 -39.57 24.13 -3.84
C GLU B 119 -39.29 25.57 -4.33
N LEU B 120 -38.11 25.83 -4.89
CA LEU B 120 -37.74 27.21 -5.21
C LEU B 120 -38.66 27.81 -6.28
N ALA B 121 -38.95 27.03 -7.32
CA ALA B 121 -39.83 27.50 -8.40
C ALA B 121 -41.23 27.79 -7.85
N LEU B 122 -41.66 26.97 -6.89
CA LEU B 122 -42.98 27.13 -6.31
C LEU B 122 -43.00 28.26 -5.29
N LEU B 123 -41.85 28.50 -4.68
CA LEU B 123 -41.72 29.59 -3.73
C LEU B 123 -41.62 30.94 -4.41
N TYR B 124 -40.83 31.02 -5.49
CA TYR B 124 -40.47 32.33 -6.04
C TYR B 124 -40.85 32.51 -7.50
N ASN B 125 -41.58 31.57 -8.07
CA ASN B 125 -42.02 31.64 -9.47
C ASN B 125 -40.87 31.80 -10.47
N SER B 126 -39.79 31.04 -10.26
CA SER B 126 -38.61 31.14 -11.10
C SER B 126 -38.31 29.82 -11.82
N LYS B 127 -37.52 29.90 -12.88
CA LYS B 127 -37.08 28.72 -13.61
C LYS B 127 -36.23 27.82 -12.71
N ARG B 128 -36.19 26.53 -13.00
CA ARG B 128 -35.45 25.58 -12.16
C ARG B 128 -33.98 25.99 -12.03
N ALA B 129 -33.51 26.12 -10.80
CA ALA B 129 -32.16 26.65 -10.54
C ALA B 129 -31.10 25.61 -10.90
N ALA B 130 -31.53 24.35 -10.99
CA ALA B 130 -30.62 23.24 -11.27
C ALA B 130 -31.31 22.04 -11.88
N THR B 131 -30.50 21.08 -12.29
CA THR B 131 -30.97 19.80 -12.82
C THR B 131 -30.93 18.71 -11.76
N ALA B 132 -32.03 17.99 -11.63
CA ALA B 132 -32.11 16.87 -10.70
C ALA B 132 -32.17 15.54 -11.46
N THR B 133 -31.19 14.66 -11.24
CA THR B 133 -31.07 13.42 -12.01
C THR B 133 -31.10 12.19 -11.09
N ALA B 134 -31.92 11.21 -11.44
CA ALA B 134 -32.01 9.97 -10.66
C ALA B 134 -30.71 9.17 -10.78
N LEU B 135 -30.07 8.92 -9.63
CA LEU B 135 -28.86 8.11 -9.61
C LEU B 135 -29.26 6.64 -9.52
N THR B 136 -30.42 6.41 -8.91
CA THR B 136 -31.01 5.09 -8.82
C THR B 136 -32.41 5.19 -9.37
N LYS B 137 -33.14 4.08 -9.37
CA LYS B 137 -34.58 4.18 -9.53
C LYS B 137 -35.07 4.94 -8.32
N CYS B 138 -35.97 5.90 -8.50
CA CYS B 138 -36.53 6.58 -7.33
C CYS B 138 -38.03 6.40 -7.23
N HIS B 139 -38.52 6.40 -6.00
CA HIS B 139 -39.94 6.60 -5.76
C HIS B 139 -40.07 7.99 -5.13
N LEU B 140 -40.88 8.85 -5.74
CA LEU B 140 -41.04 10.22 -5.28
C LEU B 140 -42.50 10.50 -4.94
N TRP B 141 -42.71 11.39 -3.99
CA TRP B 141 -44.02 11.94 -3.77
C TRP B 141 -44.03 13.37 -4.31
N ALA B 142 -45.11 13.75 -4.97
CA ALA B 142 -45.14 15.04 -5.63
C ALA B 142 -46.28 15.87 -5.10
N LEU B 143 -46.01 17.15 -4.89
CA LEU B 143 -47.04 18.07 -4.42
C LEU B 143 -47.20 19.15 -5.47
N ASP B 144 -48.44 19.39 -5.84
CA ASP B 144 -48.79 20.38 -6.88
C ASP B 144 -48.60 21.81 -6.38
N ARG B 145 -48.37 22.73 -7.32
CA ARG B 145 -48.19 24.14 -7.01
C ARG B 145 -49.36 24.70 -6.19
N GLU B 146 -50.59 24.32 -6.56
CA GLU B 146 -51.77 24.92 -5.96
C GLU B 146 -51.90 24.61 -4.47
N SER B 147 -51.71 23.34 -4.09
CA SER B 147 -51.72 22.97 -2.69
C SER B 147 -50.63 23.73 -1.95
N PHE B 148 -49.46 23.86 -2.59
CA PHE B 148 -48.33 24.55 -1.98
C PHE B 148 -48.61 26.03 -1.72
N THR B 149 -49.19 26.73 -2.69
CA THR B 149 -49.39 28.17 -2.54
C THR B 149 -50.41 28.50 -1.45
N TYR B 150 -51.53 27.80 -1.45
CA TYR B 150 -52.61 28.08 -0.52
C TYR B 150 -52.21 27.72 0.90
N ILE B 151 -51.55 26.57 1.05
CA ILE B 151 -51.25 26.04 2.38
C ILE B 151 -49.93 26.55 2.95
N ILE B 152 -48.91 26.66 2.11
CA ILE B 152 -47.56 26.75 2.63
C ILE B 152 -46.83 28.05 2.28
N LYS B 153 -46.90 28.44 1.01
CA LYS B 153 -46.08 29.52 0.46
C LYS B 153 -45.98 30.79 1.31
N ASP B 154 -47.13 31.30 1.75
CA ASP B 154 -47.18 32.59 2.42
C ASP B 154 -46.30 32.70 3.66
N MET B 155 -46.39 31.72 4.56
CA MET B 155 -45.72 31.87 5.85
C MET B 155 -44.25 31.51 5.79
N VAL B 156 -43.90 30.63 4.86
CA VAL B 156 -42.49 30.37 4.54
C VAL B 156 -41.81 31.60 3.95
N ALA B 157 -42.44 32.23 2.97
CA ALA B 157 -41.83 33.39 2.31
C ALA B 157 -41.69 34.54 3.30
N LYS B 158 -42.72 34.71 4.13
CA LYS B 158 -42.71 35.74 5.16
C LYS B 158 -41.51 35.58 6.09
N LYS B 159 -41.25 34.34 6.49
CA LYS B 159 -40.20 34.08 7.47
C LYS B 159 -38.81 34.22 6.86
N ARG B 160 -38.65 33.75 5.62
CA ARG B 160 -37.40 33.93 4.93
C ARG B 160 -37.12 35.40 4.68
N LYS B 161 -38.18 36.15 4.38
CA LYS B 161 -38.05 37.60 4.18
C LYS B 161 -37.50 38.25 5.44
N MET B 162 -38.05 37.85 6.58
CA MET B 162 -37.66 38.40 7.88
C MET B 162 -36.19 38.20 8.26
N TYR B 163 -35.61 37.09 7.80
CA TYR B 163 -34.32 36.65 8.33
C TYR B 163 -33.18 36.46 7.32
N GLU B 164 -33.47 36.38 6.02
CA GLU B 164 -32.44 35.93 5.08
C GLU B 164 -31.28 36.92 4.99
N ASP B 165 -31.62 38.21 5.08
CA ASP B 165 -30.62 39.28 5.09
C ASP B 165 -29.80 39.26 6.38
N ILE B 166 -30.49 39.22 7.52
CA ILE B 166 -29.87 39.13 8.82
C ILE B 166 -28.85 37.99 8.85
N LEU B 167 -29.29 36.82 8.40
CA LEU B 167 -28.42 35.66 8.36
C LEU B 167 -27.19 35.86 7.45
N SER B 168 -27.34 36.54 6.32
CA SER B 168 -26.16 36.79 5.49
C SER B 168 -25.13 37.71 6.17
N HIS B 169 -25.47 38.31 7.30
CA HIS B 169 -24.46 39.13 8.00
C HIS B 169 -23.94 38.49 9.28
N VAL B 170 -24.45 37.30 9.60
CA VAL B 170 -23.89 36.55 10.73
C VAL B 170 -22.57 35.92 10.28
N ASN B 171 -21.49 36.21 10.99
CA ASN B 171 -20.17 35.85 10.49
C ASN B 171 -19.92 34.34 10.30
N ILE B 172 -20.42 33.50 11.22
CA ILE B 172 -20.22 32.06 11.03
C ILE B 172 -21.01 31.48 9.86
N LEU B 173 -22.02 32.17 9.38
CA LEU B 173 -22.83 31.63 8.28
C LEU B 173 -22.35 32.09 6.91
N LYS B 174 -21.31 32.93 6.89
CA LYS B 174 -20.91 33.60 5.65
C LYS B 174 -20.21 32.69 4.63
N ASP B 175 -19.69 31.56 5.09
CA ASP B 175 -19.05 30.61 4.18
C ASP B 175 -20.07 29.63 3.58
N MET B 176 -21.33 29.81 3.95
CA MET B 176 -22.39 28.91 3.51
C MET B 176 -23.01 29.35 2.18
N ASP B 177 -23.39 28.36 1.37
CA ASP B 177 -24.24 28.58 0.22
C ASP B 177 -25.48 29.38 0.63
N PRO B 178 -25.86 30.39 -0.15
CA PRO B 178 -27.11 31.12 0.11
C PRO B 178 -28.34 30.20 0.18
N TYR B 179 -28.38 29.18 -0.67
CA TYR B 179 -29.50 28.23 -0.62
C TYR B 179 -29.56 27.54 0.72
N GLU B 180 -28.42 27.06 1.21
CA GLU B 180 -28.40 26.37 2.50
C GLU B 180 -28.73 27.34 3.65
N ARG B 181 -28.40 28.61 3.48
CA ARG B 181 -28.66 29.61 4.51
C ARG B 181 -30.16 29.91 4.62
N CYS B 182 -30.85 30.02 3.49
CA CYS B 182 -32.28 30.32 3.53
C CYS B 182 -33.04 29.26 4.30
N LYS B 183 -32.50 28.03 4.31
CA LYS B 183 -33.05 26.96 5.12
C LYS B 183 -32.97 27.22 6.61
N VAL B 184 -31.90 27.87 7.05
CA VAL B 184 -31.75 28.19 8.46
C VAL B 184 -32.92 29.06 8.91
N ALA B 185 -33.31 29.99 8.06
CA ALA B 185 -34.45 30.84 8.35
C ALA B 185 -35.70 30.03 8.67
N ASP B 186 -35.93 28.97 7.91
CA ASP B 186 -37.14 28.18 8.06
C ASP B 186 -37.29 27.57 9.46
N CYS B 187 -36.18 27.17 10.09
CA CYS B 187 -36.27 26.46 11.36
C CYS B 187 -36.03 27.37 12.55
N LEU B 188 -35.83 28.66 12.28
CA LEU B 188 -35.57 29.66 13.31
C LEU B 188 -36.75 29.89 14.21
N LYS B 189 -36.49 29.95 15.51
CA LYS B 189 -37.47 30.48 16.44
C LYS B 189 -36.94 31.84 16.93
N SER B 190 -37.83 32.72 17.37
CA SER B 190 -37.44 34.06 17.82
C SER B 190 -37.78 34.26 19.29
N LYS B 191 -37.09 35.19 19.93
CA LYS B 191 -37.37 35.50 21.33
C LYS B 191 -36.70 36.80 21.72
N SER B 192 -37.43 37.68 22.39
CA SER B 192 -36.85 38.95 22.79
C SER B 192 -36.66 39.02 24.31
N TYR B 193 -35.53 39.58 24.72
CA TYR B 193 -35.20 39.75 26.13
C TYR B 193 -35.06 41.24 26.46
N ASN B 194 -35.18 41.58 27.72
CA ASN B 194 -34.96 42.97 28.12
C ASN B 194 -33.84 43.10 29.13
N ASP B 195 -33.44 44.34 29.39
CA ASP B 195 -32.34 44.68 30.28
C ASP B 195 -32.33 43.84 31.56
N GLY B 196 -31.25 43.09 31.79
CA GLY B 196 -31.14 42.30 33.00
C GLY B 196 -31.54 40.83 32.87
N GLU B 197 -32.35 40.51 31.86
CA GLU B 197 -32.80 39.13 31.68
C GLU B 197 -31.68 38.15 31.34
N ILE B 198 -31.72 36.97 31.95
CA ILE B 198 -30.73 35.92 31.73
C ILE B 198 -31.14 35.00 30.58
N ILE B 199 -30.27 34.88 29.59
CA ILE B 199 -30.52 34.06 28.39
C ILE B 199 -30.05 32.62 28.63
N ILE B 200 -28.82 32.45 29.12
CA ILE B 200 -28.30 31.12 29.46
C ILE B 200 -27.67 31.14 30.85
N LYS B 201 -28.01 30.17 31.71
CA LYS B 201 -27.39 30.07 33.04
C LYS B 201 -26.34 28.96 33.11
N GLU B 202 -25.15 29.25 33.64
CA GLU B 202 -24.14 28.19 33.75
C GLU B 202 -24.61 27.07 34.68
N GLY B 203 -24.38 25.83 34.28
CA GLY B 203 -24.70 24.69 35.11
C GLY B 203 -26.03 24.05 34.76
N GLU B 204 -26.83 24.79 33.99
CA GLU B 204 -28.13 24.30 33.54
C GLU B 204 -28.01 23.46 32.27
N GLU B 205 -28.99 22.60 32.05
CA GLU B 205 -28.98 21.76 30.87
C GLU B 205 -29.57 22.51 29.67
N GLY B 206 -28.91 22.40 28.52
CA GLY B 206 -29.30 23.23 27.39
C GLY B 206 -29.28 22.51 26.06
N ASP B 207 -30.21 22.89 25.19
CA ASP B 207 -30.47 22.14 23.98
C ASP B 207 -30.47 23.05 22.74
N THR B 208 -29.96 24.28 22.93
CA THR B 208 -30.21 25.34 21.96
C THR B 208 -29.00 26.19 21.57
N PHE B 209 -28.96 26.53 20.27
CA PHE B 209 -27.97 27.39 19.66
C PHE B 209 -28.64 28.76 19.37
N PHE B 210 -27.97 29.86 19.73
CA PHE B 210 -28.48 31.23 19.65
C PHE B 210 -27.71 32.14 18.68
N ILE B 211 -28.41 33.02 17.98
CA ILE B 211 -27.76 34.14 17.32
C ILE B 211 -28.41 35.42 17.79
N LEU B 212 -27.60 36.37 18.21
CA LEU B 212 -28.12 37.64 18.68
C LEU B 212 -28.39 38.53 17.48
N ILE B 213 -29.64 38.94 17.28
CA ILE B 213 -29.89 39.70 16.05
C ILE B 213 -30.08 41.19 16.30
N ASP B 214 -30.21 41.55 17.58
CA ASP B 214 -30.38 42.95 17.96
C ASP B 214 -30.04 43.11 19.44
N GLY B 215 -29.27 44.13 19.77
CA GLY B 215 -28.97 44.40 21.17
C GLY B 215 -27.61 43.91 21.62
N ASN B 216 -27.45 43.86 22.93
CA ASN B 216 -26.14 43.66 23.54
C ASN B 216 -26.29 42.70 24.70
N ALA B 217 -25.37 41.75 24.80
CA ALA B 217 -25.43 40.77 25.87
C ALA B 217 -24.04 40.54 26.37
N VAL B 218 -23.90 39.95 27.54
CA VAL B 218 -22.58 39.76 28.11
C VAL B 218 -22.46 38.39 28.71
N ALA B 219 -21.34 37.73 28.46
CA ALA B 219 -21.14 36.38 28.98
C ALA B 219 -20.25 36.46 30.18
N SER B 220 -20.60 35.68 31.21
CA SER B 220 -19.84 35.64 32.45
C SER B 220 -19.78 34.21 32.95
N LYS B 221 -18.68 33.88 33.63
CA LYS B 221 -18.56 32.57 34.26
C LYS B 221 -17.92 32.74 35.63
N ASP B 222 -18.52 32.12 36.66
CA ASP B 222 -18.05 32.31 38.04
C ASP B 222 -17.86 33.80 38.37
N ASN B 223 -18.80 34.63 37.94
CA ASN B 223 -18.82 36.08 38.19
C ASN B 223 -17.69 36.86 37.54
N LYS B 224 -17.03 36.27 36.55
CA LYS B 224 -16.04 36.99 35.73
C LYS B 224 -16.52 37.15 34.30
N VAL B 225 -16.22 38.29 33.69
CA VAL B 225 -16.68 38.55 32.35
C VAL B 225 -15.70 37.89 31.37
N ILE B 226 -16.22 37.08 30.46
CA ILE B 226 -15.36 36.33 29.55
C ILE B 226 -15.62 36.69 28.08
N LYS B 227 -16.73 37.36 27.82
CA LYS B 227 -17.02 37.81 26.47
C LYS B 227 -18.18 38.79 26.43
N THR B 228 -18.15 39.69 25.47
CA THR B 228 -19.27 40.58 25.25
C THR B 228 -19.87 40.36 23.86
N TYR B 229 -21.18 40.56 23.72
CA TYR B 229 -21.85 40.24 22.46
C TYR B 229 -22.63 41.37 21.83
N THR B 230 -22.59 41.46 20.51
CA THR B 230 -23.47 42.36 19.79
C THR B 230 -24.08 41.66 18.58
N LYS B 231 -24.81 42.44 17.77
CA LYS B 231 -25.53 41.94 16.62
C LYS B 231 -24.66 41.03 15.75
N GLY B 232 -25.18 39.85 15.42
CA GLY B 232 -24.46 38.95 14.53
C GLY B 232 -23.68 37.85 15.24
N ASP B 233 -23.51 38.00 16.55
CA ASP B 233 -22.79 37.00 17.34
C ASP B 233 -23.66 35.79 17.63
N TYR B 234 -22.99 34.67 17.93
CA TYR B 234 -23.72 33.46 18.26
C TYR B 234 -23.21 32.98 19.60
N PHE B 235 -24.01 32.17 20.29
CA PHE B 235 -23.55 31.54 21.51
C PHE B 235 -24.47 30.37 21.85
N GLY B 236 -24.03 29.49 22.76
CA GLY B 236 -24.83 28.36 23.19
C GLY B 236 -24.57 27.08 22.39
N GLU B 237 -23.46 27.09 21.66
CA GLU B 237 -23.14 25.98 20.79
C GLU B 237 -22.36 24.92 21.55
N LEU B 238 -21.62 25.36 22.57
CA LEU B 238 -20.77 24.48 23.35
C LEU B 238 -21.55 23.30 23.94
N ALA B 239 -22.76 23.55 24.43
CA ALA B 239 -23.50 22.45 25.08
C ALA B 239 -23.96 21.45 24.06
N LEU B 240 -24.12 21.89 22.82
CA LEU B 240 -24.58 21.02 21.74
C LEU B 240 -23.40 20.24 21.18
N LEU B 241 -22.25 20.89 21.07
CA LEU B 241 -21.05 20.22 20.59
C LEU B 241 -20.45 19.23 21.62
N LYS B 242 -20.63 19.51 22.91
CA LYS B 242 -20.01 18.69 23.96
C LYS B 242 -20.96 17.78 24.76
N ASN B 243 -22.27 17.97 24.59
CA ASN B 243 -23.28 17.30 25.45
C ASN B 243 -23.01 17.53 26.93
N LYS B 244 -22.50 18.71 27.26
CA LYS B 244 -22.27 19.08 28.64
C LYS B 244 -23.28 20.16 29.01
N PRO B 245 -23.40 20.49 30.30
CA PRO B 245 -24.29 21.63 30.60
C PRO B 245 -23.65 22.97 30.25
N ARG B 246 -24.50 23.98 30.07
CA ARG B 246 -24.11 25.35 29.80
C ARG B 246 -22.89 25.79 30.60
N ALA B 247 -21.88 26.23 29.86
CA ALA B 247 -20.56 26.46 30.43
C ALA B 247 -20.42 27.88 31.02
N ALA B 248 -21.41 28.72 30.77
CA ALA B 248 -21.28 30.13 31.12
C ALA B 248 -22.67 30.71 31.21
N THR B 249 -22.76 31.91 31.79
CA THR B 249 -24.02 32.64 31.89
C THR B 249 -24.08 33.79 30.91
N ILE B 250 -25.21 34.00 30.25
CA ILE B 250 -25.28 35.09 29.29
C ILE B 250 -26.51 35.97 29.56
N LYS B 251 -26.27 37.27 29.72
CA LYS B 251 -27.30 38.19 30.17
C LYS B 251 -27.53 39.32 29.18
N ALA B 252 -28.79 39.69 28.97
CA ALA B 252 -29.11 40.85 28.14
C ALA B 252 -28.78 42.15 28.86
N GLN B 253 -28.19 43.10 28.15
CA GLN B 253 -27.86 44.38 28.75
C GLN B 253 -28.75 45.48 28.21
N ASN B 254 -29.74 45.09 27.41
CA ASN B 254 -30.71 46.03 26.87
C ASN B 254 -31.84 45.25 26.20
N PHE B 255 -32.62 45.92 25.35
CA PHE B 255 -33.62 45.20 24.57
C PHE B 255 -32.90 44.29 23.56
N CYS B 256 -32.89 42.99 23.87
CA CYS B 256 -32.24 41.99 23.02
C CYS B 256 -33.25 41.18 22.26
N GLN B 257 -32.97 40.96 20.97
CA GLN B 257 -33.74 39.98 20.22
C GLN B 257 -32.80 38.90 19.71
N VAL B 258 -33.21 37.63 19.86
CA VAL B 258 -32.39 36.53 19.37
C VAL B 258 -33.18 35.61 18.48
N VAL B 259 -32.46 34.82 17.68
CA VAL B 259 -33.04 33.66 17.02
C VAL B 259 -32.31 32.43 17.54
N TYR B 260 -32.97 31.27 17.53
CA TYR B 260 -32.34 30.07 18.05
C TYR B 260 -32.76 28.80 17.30
N LEU B 261 -31.86 27.80 17.28
CA LEU B 261 -32.10 26.50 16.64
C LEU B 261 -32.19 25.44 17.69
N ASP B 262 -33.09 24.48 17.51
CA ASP B 262 -33.06 23.33 18.38
C ASP B 262 -31.86 22.45 18.03
N ARG B 263 -31.57 21.50 18.91
CA ARG B 263 -30.46 20.57 18.77
C ARG B 263 -30.46 19.83 17.43
N LYS B 264 -31.55 19.23 16.99
CA LYS B 264 -31.45 18.42 15.78
C LYS B 264 -31.28 19.30 14.53
N SER B 265 -31.88 20.48 14.51
CA SER B 265 -31.72 21.38 13.36
C SER B 265 -30.27 21.84 13.26
N PHE B 266 -29.62 21.95 14.40
CA PHE B 266 -28.24 22.37 14.48
C PHE B 266 -27.28 21.34 13.88
N LYS B 267 -27.46 20.04 14.18
CA LYS B 267 -26.64 19.01 13.52
C LYS B 267 -26.99 18.88 12.07
N ARG B 268 -28.26 19.06 11.74
CA ARG B 268 -28.64 18.90 10.35
C ARG B 268 -28.04 20.05 9.52
N LEU B 269 -28.00 21.24 10.09
CA LEU B 269 -27.64 22.43 9.32
C LEU B 269 -26.21 22.93 9.41
N LEU B 270 -25.57 22.76 10.57
CA LEU B 270 -24.30 23.43 10.78
C LEU B 270 -23.11 22.45 10.78
N GLY B 271 -23.26 21.37 10.02
CA GLY B 271 -22.13 20.52 9.66
C GLY B 271 -21.04 21.22 8.84
N PRO B 272 -21.43 21.92 7.75
CA PRO B 272 -20.47 22.71 6.96
C PRO B 272 -19.65 23.73 7.76
N ILE B 273 -20.13 24.16 8.91
CA ILE B 273 -19.40 25.13 9.73
C ILE B 273 -18.84 24.53 11.02
N GLU B 274 -18.87 23.20 11.12
CA GLU B 274 -18.37 22.48 12.28
C GLU B 274 -16.89 22.81 12.54
N ASP B 275 -16.14 22.94 11.45
CA ASP B 275 -14.71 23.25 11.53
C ASP B 275 -14.46 24.63 12.17
N ILE B 276 -15.22 25.64 11.75
CA ILE B 276 -15.07 26.97 12.30
C ILE B 276 -15.50 27.05 13.78
N LEU B 277 -16.62 26.42 14.13
CA LEU B 277 -17.10 26.44 15.51
C LEU B 277 -16.05 25.86 16.47
N HIS B 278 -15.45 24.74 16.07
CA HIS B 278 -14.46 24.09 16.90
C HIS B 278 -13.22 24.96 17.12
N ARG B 279 -12.82 25.74 16.12
CA ARG B 279 -11.69 26.63 16.31
C ARG B 279 -12.06 27.84 17.15
N ASN B 280 -13.29 28.30 17.05
CA ASN B 280 -13.71 29.39 17.93
C ASN B 280 -13.80 28.86 19.37
N VAL B 281 -14.22 27.61 19.52
CA VAL B 281 -14.24 26.95 20.83
C VAL B 281 -12.85 27.00 21.47
N GLU B 282 -11.82 27.00 20.64
CA GLU B 282 -10.46 26.89 21.13
C GLU B 282 -9.91 28.22 21.65
N ASN B 283 -10.47 29.34 21.20
CA ASN B 283 -10.15 30.65 21.78
C ASN B 283 -10.89 30.87 23.09
N TYR B 284 -11.96 30.12 23.31
CA TYR B 284 -12.59 30.11 24.62
C TYR B 284 -11.58 29.70 25.67
N LYS B 285 -10.72 28.73 25.32
CA LYS B 285 -9.84 28.18 26.34
C LYS B 285 -8.69 29.16 26.60
N LYS B 286 -8.35 29.97 25.61
CA LYS B 286 -7.31 30.97 25.82
C LYS B 286 -7.82 31.92 26.88
N VAL B 287 -9.10 32.27 26.80
CA VAL B 287 -9.69 33.21 27.75
C VAL B 287 -9.80 32.55 29.12
N LEU B 288 -10.26 31.30 29.16
CA LEU B 288 -10.50 30.63 30.45
C LEU B 288 -9.20 30.51 31.24
N ASN B 289 -8.13 30.09 30.56
CA ASN B 289 -6.80 30.04 31.16
C ASN B 289 -6.37 31.38 31.74
N GLU B 290 -6.47 32.45 30.94
CA GLU B 290 -6.09 33.79 31.42
C GLU B 290 -6.86 34.20 32.68
N LEU B 291 -8.15 33.90 32.72
CA LEU B 291 -8.98 34.30 33.86
C LEU B 291 -8.89 33.32 35.02
N GLY B 292 -8.01 32.34 34.90
CA GLY B 292 -7.90 31.30 35.92
C GLY B 292 -9.21 30.54 36.09
N LEU B 293 -9.86 30.22 34.99
CA LEU B 293 -11.16 29.56 35.07
C LEU B 293 -11.07 28.10 34.61
N ASP B 294 -12.06 27.30 35.00
CA ASP B 294 -12.17 25.89 34.64
C ASP B 294 -12.24 25.71 33.13
N THR B 295 -11.34 24.88 32.59
CA THR B 295 -11.29 24.64 31.14
C THR B 295 -11.83 23.25 30.77
N THR B 296 -12.32 22.50 31.75
CA THR B 296 -12.82 21.15 31.48
C THR B 296 -14.10 21.21 30.66
N CYS B 297 -14.78 22.36 30.68
CA CYS B 297 -16.02 22.51 29.94
C CYS B 297 -15.77 22.50 28.43
N ILE B 298 -14.52 22.71 28.05
CA ILE B 298 -14.07 22.63 26.65
C ILE B 298 -13.88 21.19 26.21
N ASP B 299 -13.30 20.37 27.10
CA ASP B 299 -13.00 19.01 26.73
C ASP B 299 -14.25 18.16 26.53
N GLU B 300 -14.08 17.06 25.80
CA GLU B 300 -15.18 16.19 25.44
C GLU B 300 -15.28 15.02 26.42
N ASN B 301 -16.49 14.80 26.95
CA ASN B 301 -16.81 13.63 27.80
C ASN B 301 -18.29 13.60 28.18
#